data_6P69
#
_entry.id   6P69
#
_cell.length_a   205.365
_cell.length_b   58.516
_cell.length_c   66.131
_cell.angle_alpha   90.00
_cell.angle_beta   107.31
_cell.angle_gamma   90.00
#
_symmetry.space_group_name_H-M   'C 1 2 1'
#
loop_
_entity.id
_entity.type
_entity.pdbx_description
1 polymer 'Fibroblast growth factor receptor 1'
2 non-polymer 'SULFATE ION'
3 non-polymer 1,2-ETHANEDIOL
4 non-polymer N-{2-[(6-{[(2,6-dichloro-3,5-dimethoxyphenyl)carbamoyl][3-(4-methylpiperazin-1-yl)propyl]amino}pyrimidin-4-yl)amino]phenyl}prop-2-enamide
5 water water
#
_entity_poly.entity_id   1
_entity_poly.type   'polypeptide(L)'
_entity_poly.pdbx_seq_one_letter_code
;GAGVSEYELPEDPRWELPRDRLVLGKPLGEGAFGQVVLAEAIGLDKDKPNRVTKVAVKMLKSDATEKDLSDLISEMEMMK
MIGKHKNIINLLGACTQDGPLYVIVECASKGNLREYLQARRPPGLEYSYNPSHNPEEQLSSKDLVSCAYQVARGMEYLAS
KKCIHRDLAARNVLVTEDNVMKIADFGLARDIHHIDYYKKTTNGRLPVKWMAPEALFDRIYTHQSDVWSFGVLLWEIFTL
GGSPYPGVPVEELFKLLKEGHRMDKPSNCTNELYMMMRDCWHAVPSQRPTFKQLVEDLDRIVALTSNQE
;
_entity_poly.pdbx_strand_id   A,B
#
# COMPACT_ATOMS: atom_id res chain seq x y z
N GLU A 6 18.38 -6.88 -44.45
CA GLU A 6 18.54 -7.84 -43.30
C GLU A 6 19.55 -8.93 -43.62
N TYR A 7 19.54 -9.43 -44.86
CA TYR A 7 20.48 -10.48 -45.28
C TYR A 7 21.74 -9.86 -45.92
N GLU A 8 21.97 -8.57 -45.65
CA GLU A 8 23.09 -7.81 -46.20
C GLU A 8 23.91 -7.10 -45.11
N LEU A 9 24.13 -7.81 -44.00
CA LEU A 9 24.78 -7.27 -42.81
C LEU A 9 26.26 -7.64 -42.82
N PRO A 10 27.11 -6.70 -42.40
CA PRO A 10 28.52 -7.00 -42.28
C PRO A 10 28.76 -7.91 -41.07
N GLU A 11 29.70 -8.82 -41.20
CA GLU A 11 30.11 -9.68 -40.06
C GLU A 11 31.00 -8.92 -39.04
N ASP A 12 30.93 -9.31 -37.78
CA ASP A 12 31.89 -8.92 -36.75
C ASP A 12 32.51 -10.27 -36.30
N PRO A 13 33.68 -10.64 -36.84
CA PRO A 13 34.06 -12.07 -36.70
C PRO A 13 34.22 -12.69 -35.29
N ARG A 14 34.61 -11.92 -34.30
CA ARG A 14 34.83 -12.54 -32.99
C ARG A 14 33.51 -12.90 -32.27
N TRP A 15 32.42 -12.30 -32.72
CA TRP A 15 31.08 -12.52 -32.19
C TRP A 15 30.26 -13.51 -33.04
N GLU A 16 30.72 -13.82 -34.27
CA GLU A 16 29.90 -14.52 -35.26
C GLU A 16 29.79 -15.98 -34.91
N LEU A 17 28.58 -16.51 -34.96
CA LEU A 17 28.40 -17.95 -34.76
C LEU A 17 27.75 -18.49 -36.03
N PRO A 18 28.29 -19.58 -36.60
CA PRO A 18 27.61 -20.10 -37.80
C PRO A 18 26.22 -20.56 -37.47
N ARG A 19 25.25 -20.22 -38.33
CA ARG A 19 23.81 -20.50 -38.10
C ARG A 19 23.52 -21.93 -37.76
N ASP A 20 24.27 -22.83 -38.37
CA ASP A 20 23.98 -24.24 -38.16
C ASP A 20 24.43 -24.71 -36.78
N ARG A 21 25.09 -23.87 -36.00
CA ARG A 21 25.45 -24.15 -34.59
C ARG A 21 24.40 -23.71 -33.58
N LEU A 22 23.34 -23.10 -34.08
CA LEU A 22 22.29 -22.61 -33.27
C LEU A 22 21.00 -23.45 -33.50
N VAL A 23 20.60 -24.21 -32.48
CA VAL A 23 19.41 -25.02 -32.48
C VAL A 23 18.26 -24.21 -31.84
N LEU A 24 17.36 -23.68 -32.67
CA LEU A 24 16.27 -22.83 -32.21
C LEU A 24 15.26 -23.72 -31.55
N GLY A 25 14.53 -23.14 -30.60
CA GLY A 25 13.57 -23.85 -29.76
C GLY A 25 12.30 -23.04 -29.60
N LYS A 26 11.81 -22.96 -28.38
CA LYS A 26 10.49 -22.42 -28.12
C LYS A 26 10.44 -20.90 -28.19
N PRO A 27 9.44 -20.36 -28.93
CA PRO A 27 9.28 -18.90 -28.87
C PRO A 27 8.74 -18.41 -27.51
N LEU A 28 9.23 -17.26 -27.07
CA LEU A 28 8.69 -16.57 -25.90
C LEU A 28 7.80 -15.41 -26.33
N GLY A 29 7.37 -15.41 -27.60
CA GLY A 29 6.48 -14.37 -28.10
C GLY A 29 7.17 -13.05 -28.36
N GLU A 30 6.33 -12.02 -28.54
CA GLU A 30 6.69 -10.81 -29.28
C GLU A 30 6.98 -9.59 -28.36
N GLY A 31 8.10 -8.90 -28.62
CA GLY A 31 8.48 -7.69 -27.90
C GLY A 31 8.06 -6.42 -28.63
N ALA A 32 8.80 -5.34 -28.37
CA ALA A 32 8.49 -4.02 -28.93
C ALA A 32 8.92 -3.91 -30.39
N PHE A 33 10.18 -4.23 -30.65
CA PHE A 33 10.75 -4.26 -32.02
C PHE A 33 11.35 -5.61 -32.44
N GLY A 34 11.47 -6.57 -31.51
CA GLY A 34 11.95 -7.91 -31.84
C GLY A 34 11.17 -9.01 -31.15
N GLN A 35 11.70 -10.20 -31.24
CA GLN A 35 11.14 -11.29 -30.48
C GLN A 35 12.20 -12.28 -30.08
N VAL A 36 11.88 -13.03 -29.04
CA VAL A 36 12.86 -13.81 -28.38
C VAL A 36 12.48 -15.25 -28.47
N VAL A 37 13.46 -16.09 -28.79
CA VAL A 37 13.25 -17.54 -28.78
C VAL A 37 14.38 -18.16 -28.01
N LEU A 38 14.06 -19.19 -27.25
CA LEU A 38 15.07 -20.04 -26.65
C LEU A 38 15.82 -20.86 -27.68
N ALA A 39 17.06 -21.19 -27.38
CA ALA A 39 17.83 -22.00 -28.26
C ALA A 39 19.00 -22.65 -27.54
N GLU A 40 19.71 -23.49 -28.26
CA GLU A 40 20.95 -24.05 -27.82
C GLU A 40 22.02 -23.75 -28.86
N ALA A 41 23.19 -23.37 -28.35
CA ALA A 41 24.32 -22.99 -29.17
C ALA A 41 25.44 -23.99 -28.92
N ILE A 42 25.97 -24.52 -29.99
CA ILE A 42 27.00 -25.56 -29.91
C ILE A 42 28.30 -24.82 -30.15
N GLY A 43 29.26 -24.97 -29.25
CA GLY A 43 30.55 -24.31 -29.39
C GLY A 43 30.78 -23.18 -28.37
N LEU A 44 30.48 -21.95 -28.82
CA LEU A 44 30.87 -20.69 -28.14
C LEU A 44 32.33 -20.65 -27.55
N PRO A 49 33.17 -26.21 -27.85
CA PRO A 49 33.41 -26.92 -29.14
C PRO A 49 32.32 -27.99 -29.44
N ASN A 50 32.30 -29.06 -28.66
CA ASN A 50 31.21 -30.03 -28.68
C ASN A 50 30.21 -29.82 -27.53
N ARG A 51 30.20 -28.65 -26.90
CA ARG A 51 29.33 -28.40 -25.71
C ARG A 51 28.14 -27.57 -26.12
N VAL A 52 26.94 -27.91 -25.65
CA VAL A 52 25.79 -27.05 -25.92
C VAL A 52 25.61 -26.08 -24.75
N THR A 53 25.31 -24.83 -25.06
CA THR A 53 24.90 -23.84 -24.03
C THR A 53 23.49 -23.40 -24.36
N LYS A 54 22.62 -23.38 -23.36
CA LYS A 54 21.30 -22.78 -23.50
C LYS A 54 21.45 -21.26 -23.58
N VAL A 55 20.76 -20.64 -24.53
CA VAL A 55 20.86 -19.22 -24.77
C VAL A 55 19.48 -18.71 -25.04
N ALA A 56 19.33 -17.41 -25.02
CA ALA A 56 18.16 -16.77 -25.53
C ALA A 56 18.55 -16.00 -26.75
N VAL A 57 17.67 -15.97 -27.73
CA VAL A 57 17.96 -15.35 -28.99
C VAL A 57 16.93 -14.27 -29.36
N LYS A 58 17.41 -13.10 -29.75
CA LYS A 58 16.53 -12.07 -30.25
C LYS A 58 16.67 -11.93 -31.73
N MET A 59 15.54 -11.80 -32.40
CA MET A 59 15.44 -11.71 -33.86
C MET A 59 14.26 -10.82 -34.21
N LEU A 60 14.13 -10.53 -35.50
CA LEU A 60 13.06 -9.65 -35.98
C LEU A 60 11.72 -10.35 -35.99
N LYS A 61 10.66 -9.59 -35.76
CA LYS A 61 9.27 -10.05 -36.02
C LYS A 61 9.08 -10.36 -37.53
N SER A 62 8.07 -11.18 -37.89
CA SER A 62 7.75 -11.43 -39.32
C SER A 62 7.41 -10.15 -40.11
N ASP A 63 6.73 -9.21 -39.45
CA ASP A 63 6.35 -7.91 -40.03
C ASP A 63 7.15 -6.88 -39.27
N ALA A 64 8.26 -6.48 -39.87
CA ALA A 64 9.31 -5.75 -39.17
C ALA A 64 9.76 -4.62 -40.04
N THR A 65 9.93 -3.45 -39.43
CA THR A 65 10.25 -2.23 -40.15
C THR A 65 11.74 -2.22 -40.39
N GLU A 66 12.22 -1.27 -41.16
CA GLU A 66 13.65 -1.07 -41.28
C GLU A 66 14.23 -0.47 -40.00
N LYS A 67 13.41 0.24 -39.20
CA LYS A 67 13.83 0.83 -37.90
C LYS A 67 14.00 -0.22 -36.81
N ASP A 68 13.10 -1.21 -36.79
CA ASP A 68 13.24 -2.43 -35.97
C ASP A 68 14.63 -3.06 -36.17
N LEU A 69 15.03 -3.23 -37.42
CA LEU A 69 16.35 -3.79 -37.73
C LEU A 69 17.46 -2.91 -37.16
N SER A 70 17.30 -1.60 -37.31
CA SER A 70 18.28 -0.66 -36.84
C SER A 70 18.36 -0.74 -35.29
N ASP A 71 17.20 -0.80 -34.65
CA ASP A 71 17.15 -0.90 -33.20
C ASP A 71 17.77 -2.20 -32.69
N LEU A 72 17.59 -3.29 -33.41
CA LEU A 72 18.10 -4.57 -32.94
C LEU A 72 19.65 -4.55 -33.01
N ILE A 73 20.19 -3.96 -34.08
CA ILE A 73 21.59 -3.75 -34.28
C ILE A 73 22.15 -2.84 -33.22
N SER A 74 21.49 -1.71 -32.97
CA SER A 74 21.95 -0.78 -31.91
C SER A 74 22.07 -1.44 -30.53
N GLU A 75 21.07 -2.25 -30.15
CA GLU A 75 21.10 -2.98 -28.89
C GLU A 75 22.29 -3.97 -28.82
N MET A 76 22.45 -4.78 -29.85
CA MET A 76 23.69 -5.57 -30.00
C MET A 76 24.98 -4.75 -29.83
N GLU A 77 25.14 -3.69 -30.61
CA GLU A 77 26.40 -2.91 -30.57
C GLU A 77 26.63 -2.26 -29.20
N MET A 78 25.56 -1.78 -28.59
CA MET A 78 25.64 -1.26 -27.22
C MET A 78 26.03 -2.35 -26.21
N MET A 79 25.52 -3.56 -26.39
CA MET A 79 25.96 -4.66 -25.56
C MET A 79 27.47 -4.91 -25.67
N LYS A 80 27.98 -4.82 -26.89
CA LYS A 80 29.43 -4.97 -27.11
C LYS A 80 30.17 -3.88 -26.38
N MET A 81 29.73 -2.64 -26.52
CA MET A 81 30.45 -1.51 -25.90
CA MET A 81 30.43 -1.52 -25.89
C MET A 81 30.41 -1.58 -24.38
N ILE A 82 29.28 -1.97 -23.81
CA ILE A 82 29.19 -2.07 -22.35
C ILE A 82 30.13 -3.13 -21.78
N GLY A 83 30.28 -4.25 -22.48
CA GLY A 83 31.13 -5.37 -22.08
C GLY A 83 30.43 -6.19 -21.02
N LYS A 84 31.14 -7.18 -20.55
CA LYS A 84 30.64 -8.25 -19.68
C LYS A 84 30.67 -8.00 -18.17
N HIS A 85 29.67 -8.53 -17.51
CA HIS A 85 29.67 -8.55 -16.05
C HIS A 85 28.79 -9.69 -15.59
N LYS A 86 29.21 -10.37 -14.52
CA LYS A 86 28.47 -11.45 -13.88
C LYS A 86 26.97 -11.09 -13.60
N ASN A 87 26.66 -9.85 -13.22
CA ASN A 87 25.33 -9.44 -12.85
C ASN A 87 24.58 -8.69 -13.91
N ILE A 88 24.94 -8.94 -15.16
CA ILE A 88 24.10 -8.57 -16.29
C ILE A 88 23.91 -9.77 -17.28
N ILE A 89 22.84 -9.72 -18.06
CA ILE A 89 22.64 -10.63 -19.16
C ILE A 89 23.63 -10.22 -20.25
N ASN A 90 24.63 -11.08 -20.50
CA ASN A 90 25.70 -10.84 -21.46
C ASN A 90 25.38 -11.34 -22.87
N LEU A 91 25.89 -10.61 -23.83
CA LEU A 91 25.91 -10.98 -25.27
C LEU A 91 26.89 -12.12 -25.37
N LEU A 92 26.51 -13.20 -26.07
CA LEU A 92 27.43 -14.32 -26.27
C LEU A 92 27.78 -14.46 -27.74
N GLY A 93 26.96 -13.93 -28.64
CA GLY A 93 27.17 -14.26 -30.06
C GLY A 93 26.14 -13.61 -30.97
N ALA A 94 26.42 -13.64 -32.27
CA ALA A 94 25.44 -13.26 -33.27
C ALA A 94 25.57 -14.11 -34.55
N CYS A 95 24.45 -14.21 -35.26
CA CYS A 95 24.40 -14.79 -36.62
C CYS A 95 23.95 -13.66 -37.51
N THR A 96 24.87 -13.16 -38.32
CA THR A 96 24.63 -11.99 -39.19
C THR A 96 24.68 -12.34 -40.72
N GLN A 97 25.09 -13.55 -41.07
CA GLN A 97 25.44 -13.88 -42.44
C GLN A 97 24.52 -14.98 -42.86
N ASP A 98 24.05 -14.90 -44.13
CA ASP A 98 23.37 -16.01 -44.82
C ASP A 98 22.03 -16.33 -44.18
N GLY A 99 21.25 -15.29 -43.89
CA GLY A 99 20.04 -15.47 -43.11
C GLY A 99 19.70 -14.34 -42.18
N PRO A 100 18.60 -14.50 -41.39
CA PRO A 100 18.13 -13.46 -40.48
C PRO A 100 19.08 -13.17 -39.28
N LEU A 101 19.01 -11.96 -38.78
CA LEU A 101 19.87 -11.51 -37.72
C LEU A 101 19.40 -12.16 -36.43
N TYR A 102 20.27 -12.89 -35.77
CA TYR A 102 20.07 -13.42 -34.46
C TYR A 102 21.12 -12.80 -33.47
N VAL A 103 20.63 -12.33 -32.33
CA VAL A 103 21.50 -11.74 -31.29
C VAL A 103 21.33 -12.69 -30.13
N ILE A 104 22.42 -13.30 -29.72
CA ILE A 104 22.37 -14.44 -28.86
C ILE A 104 22.92 -14.03 -27.48
N VAL A 105 22.12 -14.21 -26.41
CA VAL A 105 22.51 -13.85 -25.04
C VAL A 105 22.42 -14.99 -24.05
N GLU A 106 22.94 -14.74 -22.85
CA GLU A 106 22.84 -15.69 -21.75
C GLU A 106 21.40 -15.97 -21.38
N CYS A 107 21.17 -17.23 -20.96
CA CYS A 107 19.82 -17.66 -20.72
C CYS A 107 19.74 -17.82 -19.22
N ALA A 108 18.69 -17.30 -18.58
CA ALA A 108 18.61 -17.30 -17.10
C ALA A 108 17.47 -18.23 -16.80
N SER A 109 17.73 -19.40 -16.21
CA SER A 109 16.66 -20.44 -16.19
C SER A 109 15.58 -20.26 -15.14
N LYS A 110 15.78 -19.44 -14.10
CA LYS A 110 14.72 -19.29 -13.09
C LYS A 110 13.75 -18.13 -13.26
N GLY A 111 13.62 -17.60 -14.48
CA GLY A 111 12.66 -16.50 -14.75
C GLY A 111 13.18 -15.14 -14.23
N ASN A 112 12.29 -14.17 -14.24
CA ASN A 112 12.56 -12.89 -13.68
C ASN A 112 12.44 -12.84 -12.14
N LEU A 113 12.98 -11.80 -11.54
CA LEU A 113 13.06 -11.78 -10.08
C LEU A 113 11.69 -11.62 -9.42
N ARG A 114 10.76 -10.93 -10.06
CA ARG A 114 9.43 -10.81 -9.51
C ARG A 114 8.84 -12.21 -9.33
N GLU A 115 8.95 -13.04 -10.39
CA GLU A 115 8.44 -14.43 -10.39
C GLU A 115 9.21 -15.31 -9.42
N TYR A 116 10.53 -15.23 -9.44
CA TYR A 116 11.37 -15.99 -8.50
C TYR A 116 10.92 -15.74 -7.09
N LEU A 117 10.71 -14.46 -6.73
CA LEU A 117 10.35 -14.09 -5.39
C LEU A 117 8.93 -14.61 -5.06
N GLN A 118 7.99 -14.37 -5.97
CA GLN A 118 6.60 -14.79 -5.75
C GLN A 118 6.49 -16.30 -5.55
N ALA A 119 7.28 -17.06 -6.29
CA ALA A 119 7.27 -18.53 -6.19
C ALA A 119 7.86 -19.06 -4.90
N ARG A 120 8.59 -18.23 -4.16
CA ARG A 120 9.24 -18.63 -2.93
C ARG A 120 8.60 -17.95 -1.72
N ARG A 121 7.44 -17.30 -1.93
CA ARG A 121 6.64 -16.89 -0.79
C ARG A 121 6.29 -18.07 0.16
N PRO A 122 6.17 -17.81 1.47
CA PRO A 122 5.76 -18.89 2.36
C PRO A 122 4.34 -19.45 2.07
N PRO A 123 4.09 -20.71 2.50
CA PRO A 123 2.85 -21.46 2.21
C PRO A 123 1.51 -20.70 2.31
N GLU A 136 8.39 -25.64 -3.48
CA GLU A 136 9.37 -25.51 -2.40
C GLU A 136 10.53 -24.62 -2.83
N GLU A 137 11.24 -24.14 -1.79
CA GLU A 137 12.43 -23.29 -1.79
C GLU A 137 11.97 -22.04 -1.05
N GLN A 138 12.65 -21.73 0.04
CA GLN A 138 12.40 -20.52 0.82
C GLN A 138 13.70 -19.70 0.85
N LEU A 139 13.54 -18.40 0.93
CA LEU A 139 14.67 -17.51 0.86
C LEU A 139 14.89 -17.05 2.26
N SER A 140 16.14 -17.12 2.71
CA SER A 140 16.47 -16.58 4.00
C SER A 140 16.59 -15.04 3.89
N SER A 141 16.70 -14.34 5.03
CA SER A 141 16.85 -12.89 5.01
C SER A 141 18.18 -12.53 4.32
N LYS A 142 19.22 -13.31 4.54
CA LYS A 142 20.46 -13.16 3.85
C LYS A 142 20.32 -13.32 2.33
N ASP A 143 19.51 -14.27 1.89
CA ASP A 143 19.27 -14.44 0.46
C ASP A 143 18.69 -13.18 -0.17
N LEU A 144 17.77 -12.51 0.55
CA LEU A 144 17.07 -11.31 0.05
C LEU A 144 18.01 -10.12 -0.06
N VAL A 145 18.81 -9.92 0.97
CA VAL A 145 19.81 -8.87 0.91
C VAL A 145 20.82 -9.17 -0.15
N SER A 146 21.16 -10.45 -0.31
CA SER A 146 22.08 -10.83 -1.35
C SER A 146 21.54 -10.60 -2.78
N CYS A 147 20.25 -10.81 -3.05
CA CYS A 147 19.70 -10.42 -4.36
CA CYS A 147 19.70 -10.42 -4.36
C CYS A 147 19.93 -8.92 -4.55
N ALA A 148 19.60 -8.13 -3.53
CA ALA A 148 19.78 -6.67 -3.65
C ALA A 148 21.21 -6.28 -3.98
N TYR A 149 22.15 -6.86 -3.21
CA TYR A 149 23.58 -6.62 -3.44
C TYR A 149 23.95 -6.86 -4.92
N GLN A 150 23.56 -8.03 -5.43
CA GLN A 150 23.95 -8.45 -6.77
C GLN A 150 23.34 -7.51 -7.83
N VAL A 151 22.10 -7.10 -7.60
CA VAL A 151 21.54 -6.14 -8.52
C VAL A 151 22.34 -4.83 -8.46
N ALA A 152 22.65 -4.38 -7.24
CA ALA A 152 23.39 -3.11 -7.07
C ALA A 152 24.71 -3.19 -7.79
N ARG A 153 25.39 -4.32 -7.62
CA ARG A 153 26.66 -4.58 -8.31
C ARG A 153 26.53 -4.53 -9.81
N GLY A 154 25.48 -5.17 -10.32
CA GLY A 154 25.16 -5.05 -11.73
C GLY A 154 25.04 -3.59 -12.14
N MET A 155 24.25 -2.83 -11.39
CA MET A 155 23.94 -1.44 -11.74
C MET A 155 25.17 -0.55 -11.57
N GLU A 156 26.02 -0.85 -10.57
CA GLU A 156 27.27 -0.13 -10.44
C GLU A 156 28.15 -0.33 -11.68
N TYR A 157 28.22 -1.57 -12.20
CA TYR A 157 28.99 -1.85 -13.40
C TYR A 157 28.42 -1.05 -14.56
N LEU A 158 27.11 -1.13 -14.77
CA LEU A 158 26.49 -0.39 -15.84
C LEU A 158 26.71 1.11 -15.69
N ALA A 159 26.53 1.66 -14.50
CA ALA A 159 26.79 3.08 -14.28
C ALA A 159 28.23 3.46 -14.65
N SER A 160 29.19 2.59 -14.36
CA SER A 160 30.60 2.88 -14.65
C SER A 160 30.83 2.88 -16.17
N LYS A 161 29.91 2.28 -16.94
CA LYS A 161 29.97 2.28 -18.41
C LYS A 161 29.03 3.27 -18.97
N LYS A 162 28.50 4.15 -18.12
CA LYS A 162 27.68 5.28 -18.55
C LYS A 162 26.38 4.83 -19.14
N CYS A 163 25.91 3.67 -18.69
CA CYS A 163 24.64 3.13 -19.17
C CYS A 163 23.55 3.46 -18.13
N ILE A 164 22.54 4.18 -18.55
CA ILE A 164 21.39 4.52 -17.73
C ILE A 164 20.32 3.59 -18.17
N HIS A 165 19.75 2.83 -17.24
CA HIS A 165 18.85 1.76 -17.58
C HIS A 165 17.50 2.26 -17.98
N ARG A 166 16.94 3.11 -17.13
CA ARG A 166 15.64 3.79 -17.32
C ARG A 166 14.40 2.93 -17.00
N ASP A 167 14.53 1.60 -16.86
CA ASP A 167 13.41 0.81 -16.32
C ASP A 167 13.88 -0.29 -15.41
N LEU A 168 14.67 0.08 -14.42
CA LEU A 168 15.12 -0.88 -13.45
C LEU A 168 13.94 -1.28 -12.55
N ALA A 169 13.76 -2.60 -12.40
CA ALA A 169 12.59 -3.22 -11.72
C ALA A 169 12.84 -4.73 -11.67
N ALA A 170 12.16 -5.43 -10.75
CA ALA A 170 12.38 -6.85 -10.57
C ALA A 170 12.08 -7.60 -11.90
N ARG A 171 11.12 -7.12 -12.66
CA ARG A 171 10.80 -7.67 -14.03
C ARG A 171 11.99 -7.66 -14.95
N ASN A 172 12.93 -6.72 -14.75
CA ASN A 172 14.10 -6.62 -15.59
C ASN A 172 15.32 -7.10 -14.87
N VAL A 173 15.13 -7.97 -13.89
CA VAL A 173 16.23 -8.73 -13.39
C VAL A 173 15.90 -10.20 -13.62
N LEU A 174 16.87 -10.97 -14.12
CA LEU A 174 16.66 -12.39 -14.32
C LEU A 174 17.58 -13.19 -13.44
N VAL A 175 17.17 -14.43 -13.14
CA VAL A 175 17.85 -15.27 -12.17
C VAL A 175 18.31 -16.54 -12.88
N THR A 176 19.60 -16.86 -12.76
CA THR A 176 20.18 -18.01 -13.41
C THR A 176 19.86 -19.27 -12.62
N GLU A 177 20.29 -20.42 -13.16
CA GLU A 177 20.12 -21.71 -12.47
C GLU A 177 20.79 -21.72 -11.10
N ASP A 178 21.94 -21.04 -11.00
CA ASP A 178 22.67 -20.88 -9.72
C ASP A 178 22.32 -19.62 -8.89
N ASN A 179 21.14 -19.06 -9.11
CA ASN A 179 20.64 -17.93 -8.28
C ASN A 179 21.47 -16.67 -8.42
N VAL A 180 22.07 -16.48 -9.60
CA VAL A 180 22.75 -15.23 -9.85
C VAL A 180 21.72 -14.23 -10.43
N MET A 181 21.78 -12.97 -9.96
CA MET A 181 20.94 -11.93 -10.51
C MET A 181 21.61 -11.31 -11.71
N LYS A 182 20.85 -11.07 -12.76
CA LYS A 182 21.36 -10.50 -14.02
C LYS A 182 20.42 -9.49 -14.55
N ILE A 183 20.90 -8.26 -14.67
CA ILE A 183 20.10 -7.19 -15.17
C ILE A 183 19.89 -7.43 -16.66
N ALA A 184 18.66 -7.20 -17.09
CA ALA A 184 18.20 -7.44 -18.43
C ALA A 184 17.80 -6.11 -19.03
N ASP A 185 17.89 -6.05 -20.35
CA ASP A 185 17.21 -5.03 -21.11
C ASP A 185 17.83 -3.67 -20.84
N PHE A 186 19.15 -3.70 -20.67
CA PHE A 186 19.91 -2.50 -20.38
C PHE A 186 20.51 -1.81 -21.60
N GLY A 187 20.37 -2.35 -22.79
CA GLY A 187 21.11 -1.81 -23.95
C GLY A 187 20.26 -0.95 -24.87
N LEU A 188 19.13 -0.47 -24.39
CA LEU A 188 18.22 0.33 -25.21
C LEU A 188 18.62 1.79 -25.18
N ALA A 189 18.90 2.35 -26.36
CA ALA A 189 19.01 3.83 -26.53
C ALA A 189 17.72 4.56 -26.09
N ARG A 190 17.89 5.75 -25.55
CA ARG A 190 16.78 6.64 -25.18
C ARG A 190 15.74 6.76 -26.32
N ASP A 191 14.48 6.51 -26.03
CA ASP A 191 13.40 6.74 -26.97
C ASP A 191 13.25 8.27 -27.13
N ILE A 192 13.03 8.73 -28.36
CA ILE A 192 12.92 10.18 -28.64
C ILE A 192 11.56 10.63 -28.06
N HIS A 193 11.61 10.88 -26.75
CA HIS A 193 10.60 10.39 -25.79
C HIS A 193 9.13 10.74 -26.06
N HIS A 194 8.43 9.76 -26.61
CA HIS A 194 6.99 9.68 -26.49
C HIS A 194 6.74 8.42 -25.66
N ILE A 195 7.10 8.43 -24.37
CA ILE A 195 6.79 7.25 -23.53
C ILE A 195 5.33 7.33 -23.06
N ASP A 196 4.60 6.23 -23.24
CA ASP A 196 3.16 6.16 -22.98
C ASP A 196 2.97 5.77 -21.51
N TYR A 197 2.53 6.75 -20.70
CA TYR A 197 2.38 6.55 -19.26
C TYR A 197 1.38 5.49 -18.83
N TYR A 198 0.39 5.23 -19.69
CA TYR A 198 -0.74 4.34 -19.41
C TYR A 198 -0.51 2.91 -19.91
N LYS A 199 0.57 2.69 -20.65
CA LYS A 199 0.93 1.33 -21.08
C LYS A 199 1.28 0.46 -19.85
N LYS A 200 0.69 -0.73 -19.77
CA LYS A 200 0.95 -1.67 -18.70
C LYS A 200 1.92 -2.77 -19.16
N THR A 201 2.46 -3.53 -18.20
CA THR A 201 3.33 -4.65 -18.49
C THR A 201 2.44 -5.86 -18.75
N THR A 202 2.99 -6.89 -19.38
CA THR A 202 2.29 -8.17 -19.56
C THR A 202 1.54 -8.56 -18.28
N ASN A 203 2.15 -8.39 -17.12
CA ASN A 203 1.54 -8.72 -15.82
C ASN A 203 0.51 -7.70 -15.29
N GLY A 204 0.16 -6.65 -16.05
CA GLY A 204 -0.84 -5.65 -15.61
C GLY A 204 -0.41 -4.46 -14.73
N ARG A 205 0.90 -4.22 -14.60
CA ARG A 205 1.40 -3.12 -13.78
C ARG A 205 1.94 -2.01 -14.64
N LEU A 206 1.96 -0.81 -14.06
CA LEU A 206 2.37 0.41 -14.73
C LEU A 206 3.82 0.76 -14.42
N PRO A 207 4.69 0.70 -15.44
CA PRO A 207 6.11 1.08 -15.24
C PRO A 207 6.35 2.49 -14.70
N VAL A 208 5.43 3.44 -14.91
CA VAL A 208 5.59 4.73 -14.26
C VAL A 208 5.83 4.64 -12.73
N LYS A 209 5.44 3.53 -12.10
CA LYS A 209 5.61 3.39 -10.67
C LYS A 209 7.01 3.15 -10.19
N TRP A 210 7.92 2.96 -11.11
CA TRP A 210 9.33 2.83 -10.80
C TRP A 210 10.17 4.04 -11.17
N MET A 211 9.56 5.08 -11.73
CA MET A 211 10.31 6.18 -12.26
C MET A 211 10.51 7.32 -11.24
N ALA A 212 11.73 7.83 -11.18
CA ALA A 212 12.01 8.99 -10.36
C ALA A 212 11.08 10.15 -10.81
N PRO A 213 10.65 11.01 -9.85
CA PRO A 213 9.85 12.12 -10.25
C PRO A 213 10.45 13.05 -11.33
N GLU A 214 11.76 13.29 -11.31
CA GLU A 214 12.34 14.15 -12.35
C GLU A 214 12.21 13.48 -13.74
N ALA A 215 12.22 12.14 -13.76
CA ALA A 215 12.02 11.39 -14.97
C ALA A 215 10.57 11.50 -15.48
N LEU A 216 9.66 11.32 -14.55
CA LEU A 216 8.22 11.36 -14.81
C LEU A 216 7.83 12.78 -15.19
N PHE A 217 8.19 13.79 -14.39
CA PHE A 217 7.75 15.17 -14.64
C PHE A 217 8.60 15.96 -15.62
N ASP A 218 9.92 15.82 -15.55
CA ASP A 218 10.81 16.60 -16.43
C ASP A 218 11.50 15.77 -17.50
N ARG A 219 11.22 14.48 -17.59
CA ARG A 219 11.85 13.64 -18.61
C ARG A 219 13.40 13.56 -18.45
N ILE A 220 13.93 13.91 -17.27
CA ILE A 220 15.36 13.77 -16.96
C ILE A 220 15.66 12.39 -16.35
N TYR A 221 16.48 11.60 -17.04
CA TYR A 221 16.95 10.29 -16.59
C TYR A 221 18.49 10.31 -16.37
N THR A 222 18.96 9.87 -15.20
CA THR A 222 20.35 9.84 -14.90
C THR A 222 20.65 8.54 -14.10
N HIS A 223 21.90 8.34 -13.70
CA HIS A 223 22.18 7.31 -12.71
C HIS A 223 21.32 7.51 -11.46
N GLN A 224 21.10 8.78 -11.10
CA GLN A 224 20.33 9.13 -9.88
C GLN A 224 18.90 8.66 -9.98
N SER A 225 18.33 8.79 -11.18
CA SER A 225 16.98 8.34 -11.37
C SER A 225 16.91 6.80 -11.37
N ASP A 226 17.94 6.11 -11.85
CA ASP A 226 17.99 4.65 -11.72
C ASP A 226 18.11 4.23 -10.24
N VAL A 227 18.78 5.03 -9.42
CA VAL A 227 18.88 4.73 -7.98
C VAL A 227 17.48 4.83 -7.35
N TRP A 228 16.65 5.80 -7.75
CA TRP A 228 15.24 5.85 -7.28
C TRP A 228 14.53 4.49 -7.64
N SER A 229 14.65 4.08 -8.90
CA SER A 229 14.07 2.82 -9.36
C SER A 229 14.62 1.64 -8.52
N PHE A 230 15.89 1.67 -8.16
CA PHE A 230 16.45 0.64 -7.34
C PHE A 230 15.79 0.60 -5.94
N GLY A 231 15.50 1.74 -5.37
CA GLY A 231 14.70 1.75 -4.16
C GLY A 231 13.34 1.02 -4.26
N VAL A 232 12.65 1.17 -5.40
CA VAL A 232 11.35 0.49 -5.60
C VAL A 232 11.67 -1.01 -5.73
N LEU A 233 12.75 -1.32 -6.38
CA LEU A 233 13.20 -2.71 -6.50
C LEU A 233 13.50 -3.36 -5.17
N LEU A 234 14.19 -2.63 -4.27
CA LEU A 234 14.35 -3.11 -2.90
C LEU A 234 13.02 -3.42 -2.24
N TRP A 235 12.06 -2.51 -2.37
CA TRP A 235 10.76 -2.71 -1.79
C TRP A 235 10.10 -3.99 -2.42
N GLU A 236 10.30 -4.22 -3.72
CA GLU A 236 9.83 -5.47 -4.35
C GLU A 236 10.52 -6.66 -3.75
N ILE A 237 11.84 -6.58 -3.54
CA ILE A 237 12.52 -7.70 -2.97
C ILE A 237 11.93 -8.02 -1.60
N PHE A 238 11.81 -7.01 -0.75
CA PHE A 238 11.41 -7.28 0.64
C PHE A 238 9.91 -7.57 0.82
N THR A 239 9.08 -7.26 -0.19
CA THR A 239 7.71 -7.74 -0.20
C THR A 239 7.59 -9.05 -0.99
N LEU A 240 8.69 -9.75 -1.27
CA LEU A 240 8.65 -10.97 -2.05
C LEU A 240 7.85 -10.87 -3.35
N GLY A 241 8.12 -9.79 -4.10
CA GLY A 241 7.49 -9.56 -5.39
C GLY A 241 6.17 -8.81 -5.27
N GLY A 242 6.08 -7.97 -4.27
CA GLY A 242 4.88 -7.18 -4.09
C GLY A 242 4.73 -6.18 -5.21
N SER A 243 3.52 -5.70 -5.37
CA SER A 243 3.22 -4.79 -6.43
C SER A 243 3.15 -3.38 -5.82
N PRO A 244 3.98 -2.42 -6.28
CA PRO A 244 3.91 -1.06 -5.71
C PRO A 244 2.66 -0.32 -6.12
N TYR A 245 2.09 0.43 -5.18
CA TYR A 245 0.94 1.24 -5.42
C TYR A 245 -0.22 0.43 -6.12
N PRO A 246 -0.65 -0.66 -5.51
CA PRO A 246 -1.68 -1.47 -6.18
C PRO A 246 -2.99 -0.68 -6.31
N GLY A 247 -3.57 -0.70 -7.50
CA GLY A 247 -4.83 -0.01 -7.76
C GLY A 247 -4.72 1.49 -7.92
N VAL A 248 -3.49 2.02 -8.05
CA VAL A 248 -3.31 3.46 -8.18
C VAL A 248 -3.13 3.74 -9.67
N PRO A 249 -4.05 4.51 -10.29
CA PRO A 249 -3.81 4.88 -11.72
C PRO A 249 -2.79 6.01 -11.86
N VAL A 250 -2.34 6.26 -13.08
CA VAL A 250 -1.33 7.27 -13.37
C VAL A 250 -1.58 8.65 -12.72
N GLU A 251 -2.80 9.19 -12.85
CA GLU A 251 -3.08 10.56 -12.38
C GLU A 251 -2.92 10.64 -10.88
N GLU A 252 -3.34 9.61 -10.17
CA GLU A 252 -3.26 9.59 -8.72
C GLU A 252 -1.81 9.36 -8.30
N LEU A 253 -1.04 8.60 -9.08
CA LEU A 253 0.39 8.44 -8.79
C LEU A 253 1.11 9.81 -8.85
N PHE A 254 0.84 10.62 -9.90
CA PHE A 254 1.47 11.92 -10.00
C PHE A 254 1.15 12.74 -8.76
N LYS A 255 -0.11 12.72 -8.32
CA LYS A 255 -0.47 13.46 -7.11
C LYS A 255 0.25 12.92 -5.85
N LEU A 256 0.35 11.60 -5.68
CA LEU A 256 1.16 11.06 -4.55
C LEU A 256 2.61 11.57 -4.57
N LEU A 257 3.23 11.54 -5.74
CA LEU A 257 4.60 12.00 -5.88
C LEU A 257 4.73 13.49 -5.59
N LYS A 258 3.83 14.31 -6.12
CA LYS A 258 3.82 15.75 -5.84
C LYS A 258 3.66 16.06 -4.32
N GLU A 259 2.92 15.22 -3.61
CA GLU A 259 2.73 15.34 -2.18
C GLU A 259 3.92 14.83 -1.38
N GLY A 260 4.87 14.18 -2.03
CA GLY A 260 5.99 13.59 -1.28
C GLY A 260 5.65 12.31 -0.55
N HIS A 261 4.65 11.57 -1.05
CA HIS A 261 4.32 10.25 -0.50
C HIS A 261 5.47 9.26 -0.71
N ARG A 262 5.66 8.40 0.27
CA ARG A 262 6.60 7.35 0.25
C ARG A 262 5.90 6.08 0.76
N MET A 263 6.14 4.96 0.09
CA MET A 263 5.55 3.67 0.48
C MET A 263 5.99 3.28 1.88
N ASP A 264 5.13 2.51 2.54
CA ASP A 264 5.37 2.03 3.90
C ASP A 264 6.48 1.01 3.90
N LYS A 265 7.15 0.92 5.04
CA LYS A 265 8.09 -0.14 5.30
C LYS A 265 7.49 -1.55 5.16
N PRO A 266 8.06 -2.37 4.31
CA PRO A 266 7.48 -3.75 4.27
C PRO A 266 7.68 -4.44 5.60
N SER A 267 6.86 -5.42 5.94
CA SER A 267 7.14 -6.25 7.12
C SER A 267 8.38 -7.10 6.80
N ASN A 268 9.12 -7.57 7.77
CA ASN A 268 10.35 -8.39 7.42
C ASN A 268 11.35 -7.62 6.52
N CYS A 269 11.63 -6.44 7.02
CA CYS A 269 12.57 -5.54 6.43
C CYS A 269 13.07 -4.76 7.65
N THR A 270 14.37 -4.64 7.80
CA THR A 270 14.95 -3.91 8.94
C THR A 270 14.77 -2.44 8.73
N ASN A 271 14.92 -1.69 9.79
CA ASN A 271 14.83 -0.23 9.70
C ASN A 271 15.94 0.32 8.80
N GLU A 272 17.11 -0.27 8.90
CA GLU A 272 18.26 0.06 8.05
C GLU A 272 17.98 -0.11 6.53
N LEU A 273 17.35 -1.21 6.14
CA LEU A 273 17.00 -1.43 4.74
C LEU A 273 15.91 -0.47 4.32
N TYR A 274 14.98 -0.17 5.23
CA TYR A 274 13.95 0.83 4.92
C TYR A 274 14.55 2.23 4.71
N MET A 275 15.51 2.63 5.55
CA MET A 275 16.25 3.90 5.37
C MET A 275 17.00 3.91 4.03
N MET A 276 17.61 2.79 3.62
CA MET A 276 18.21 2.73 2.29
C MET A 276 17.19 3.05 1.14
N MET A 277 16.01 2.47 1.23
CA MET A 277 14.91 2.77 0.30
C MET A 277 14.54 4.21 0.29
N ARG A 278 14.34 4.76 1.48
CA ARG A 278 13.96 6.18 1.61
C ARG A 278 15.06 7.06 1.07
N ASP A 279 16.31 6.67 1.28
CA ASP A 279 17.47 7.43 0.71
C ASP A 279 17.55 7.39 -0.82
N CYS A 280 17.36 6.19 -1.37
CA CYS A 280 17.13 6.01 -2.81
C CYS A 280 16.00 6.90 -3.33
N TRP A 281 14.97 7.09 -2.51
CA TRP A 281 13.83 7.95 -2.86
C TRP A 281 13.89 9.42 -2.40
N HIS A 282 15.08 9.93 -2.17
CA HIS A 282 15.24 11.38 -1.95
C HIS A 282 14.64 12.22 -3.07
N ALA A 283 13.90 13.28 -2.72
CA ALA A 283 13.31 14.17 -3.70
C ALA A 283 14.43 14.84 -4.57
N VAL A 284 15.60 15.07 -3.96
CA VAL A 284 16.72 15.77 -4.57
C VAL A 284 17.71 14.78 -5.14
N PRO A 285 17.79 14.69 -6.49
CA PRO A 285 18.58 13.59 -7.06
C PRO A 285 20.03 13.49 -6.55
N SER A 286 20.65 14.64 -6.36
CA SER A 286 22.05 14.77 -5.92
C SER A 286 22.25 14.19 -4.54
N GLN A 287 21.19 14.11 -3.78
CA GLN A 287 21.23 13.60 -2.42
C GLN A 287 20.97 12.13 -2.24
N ARG A 288 20.64 11.42 -3.31
CA ARG A 288 20.48 9.97 -3.18
C ARG A 288 21.82 9.30 -3.08
N PRO A 289 21.89 8.10 -2.46
CA PRO A 289 23.18 7.41 -2.65
C PRO A 289 23.50 7.04 -4.13
N THR A 290 24.80 6.82 -4.41
CA THR A 290 25.20 6.20 -5.67
C THR A 290 25.13 4.67 -5.58
N PHE A 291 25.28 4.01 -6.73
CA PHE A 291 25.28 2.57 -6.75
C PHE A 291 26.57 2.08 -6.08
N LYS A 292 27.66 2.81 -6.27
CA LYS A 292 28.88 2.50 -5.57
C LYS A 292 28.65 2.46 -4.07
N GLN A 293 27.92 3.44 -3.52
CA GLN A 293 27.67 3.48 -2.08
C GLN A 293 26.71 2.36 -1.66
N LEU A 294 25.68 2.12 -2.47
CA LEU A 294 24.75 1.02 -2.21
C LEU A 294 25.45 -0.33 -2.21
N VAL A 295 26.36 -0.55 -3.17
CA VAL A 295 27.11 -1.81 -3.16
C VAL A 295 27.89 -2.01 -1.85
N GLU A 296 28.56 -0.97 -1.38
CA GLU A 296 29.33 -1.04 -0.11
C GLU A 296 28.45 -1.32 1.11
N ASP A 297 27.36 -0.61 1.21
CA ASP A 297 26.46 -0.79 2.31
C ASP A 297 25.84 -2.15 2.29
N LEU A 298 25.43 -2.61 1.11
CA LEU A 298 24.75 -3.91 1.00
C LEU A 298 25.72 -5.05 1.26
N ASP A 299 26.97 -4.85 0.89
CA ASP A 299 28.06 -5.79 1.21
C ASP A 299 28.19 -6.00 2.74
N ARG A 300 28.30 -4.92 3.48
CA ARG A 300 28.36 -4.93 4.95
C ARG A 300 27.07 -5.55 5.52
N ILE A 301 25.90 -5.11 5.05
CA ILE A 301 24.63 -5.59 5.57
C ILE A 301 24.48 -7.13 5.37
N VAL A 302 24.78 -7.63 4.16
CA VAL A 302 24.73 -9.09 3.85
C VAL A 302 25.47 -9.89 4.91
N ALA A 303 26.72 -9.50 5.14
CA ALA A 303 27.59 -10.19 6.11
C ALA A 303 26.93 -10.26 7.49
N LEU A 304 26.22 -9.22 7.90
CA LEU A 304 25.54 -9.16 9.19
C LEU A 304 24.10 -9.75 9.22
N THR A 305 23.52 -10.04 8.07
CA THR A 305 22.13 -10.49 7.99
C THR A 305 22.10 -12.02 8.20
N SER A 306 21.15 -12.48 9.04
CA SER A 306 20.99 -13.92 9.37
C SER A 306 20.50 -14.74 8.16
N ASN A 307 21.15 -15.87 7.92
CA ASN A 307 20.54 -16.93 7.11
C ASN A 307 19.80 -18.00 7.93
N GLN A 308 19.56 -17.77 9.23
CA GLN A 308 18.86 -18.78 10.08
C GLN A 308 17.36 -18.80 9.92
N GLU A 309 16.80 -17.70 9.41
CA GLU A 309 15.40 -17.67 8.91
C GLU A 309 15.32 -16.71 7.71
N SER B 5 -43.74 17.86 16.95
CA SER B 5 -42.27 18.30 17.09
C SER B 5 -41.79 19.63 16.45
N GLU B 6 -42.51 20.09 15.44
CA GLU B 6 -42.24 21.39 14.83
C GLU B 6 -42.37 22.54 15.83
N TYR B 7 -43.24 22.37 16.84
CA TYR B 7 -43.63 23.41 17.80
C TYR B 7 -43.22 23.18 19.25
N GLU B 8 -43.04 21.93 19.62
CA GLU B 8 -42.71 21.55 20.97
C GLU B 8 -42.20 20.09 20.94
N LEU B 9 -41.05 19.80 21.54
CA LEU B 9 -40.62 18.41 21.70
C LEU B 9 -41.25 17.75 22.91
N PRO B 10 -41.45 16.43 22.84
CA PRO B 10 -41.80 15.67 24.07
C PRO B 10 -40.80 15.89 25.21
N GLU B 11 -41.28 15.87 26.44
CA GLU B 11 -40.46 15.93 27.62
C GLU B 11 -39.83 14.55 27.93
N ASP B 12 -38.66 14.59 28.55
CA ASP B 12 -38.09 13.41 29.19
C ASP B 12 -37.27 13.92 30.34
N PRO B 13 -37.90 14.02 31.52
CA PRO B 13 -37.21 14.71 32.61
C PRO B 13 -36.04 13.95 33.23
N ARG B 14 -35.95 12.64 33.02
CA ARG B 14 -34.70 11.86 33.36
C ARG B 14 -33.43 12.53 32.75
N TRP B 15 -33.53 12.99 31.51
CA TRP B 15 -32.38 13.55 30.76
C TRP B 15 -32.28 15.08 30.67
N GLU B 16 -33.31 15.80 31.14
CA GLU B 16 -33.41 17.25 30.87
C GLU B 16 -32.47 18.02 31.71
N LEU B 17 -31.72 18.92 31.11
CA LEU B 17 -30.84 19.81 31.84
C LEU B 17 -31.36 21.24 31.60
N PRO B 18 -31.54 22.04 32.67
CA PRO B 18 -31.90 23.45 32.45
C PRO B 18 -30.87 24.22 31.61
N ARG B 19 -31.36 25.10 30.76
CA ARG B 19 -30.53 25.79 29.81
C ARG B 19 -29.52 26.67 30.46
N ASP B 20 -29.81 27.16 31.65
CA ASP B 20 -28.86 28.03 32.26
C ASP B 20 -27.76 27.26 33.02
N ARG B 21 -27.89 25.93 33.10
CA ARG B 21 -26.79 25.06 33.50
C ARG B 21 -25.93 24.56 32.35
N LEU B 22 -26.06 25.16 31.15
CA LEU B 22 -25.21 24.81 30.00
C LEU B 22 -24.62 26.04 29.44
N VAL B 23 -23.30 26.18 29.50
CA VAL B 23 -22.63 27.28 28.86
C VAL B 23 -21.89 26.81 27.58
N LEU B 24 -22.38 27.25 26.42
CA LEU B 24 -21.81 26.90 25.13
C LEU B 24 -20.48 27.61 24.87
N GLY B 25 -19.52 26.93 24.24
CA GLY B 25 -18.20 27.50 23.90
C GLY B 25 -17.87 27.32 22.42
N LYS B 26 -16.61 27.00 22.15
CA LYS B 26 -16.10 26.81 20.79
C LYS B 26 -16.81 25.77 19.91
N PRO B 27 -17.20 26.16 18.69
CA PRO B 27 -17.64 25.21 17.68
C PRO B 27 -16.54 24.23 17.33
N LEU B 28 -16.91 22.99 17.14
CA LEU B 28 -15.99 21.91 17.00
C LEU B 28 -16.06 21.40 15.55
N GLY B 29 -16.14 22.28 14.55
CA GLY B 29 -16.16 21.83 13.13
C GLY B 29 -17.56 21.48 12.61
N GLU B 30 -17.80 21.84 11.34
CA GLU B 30 -19.14 21.82 10.75
C GLU B 30 -19.46 20.56 9.90
N GLY B 31 -20.54 19.85 10.23
CA GLY B 31 -21.11 18.78 9.37
C GLY B 31 -22.32 19.26 8.57
N ALA B 32 -23.13 18.34 8.07
CA ALA B 32 -24.38 18.70 7.38
C ALA B 32 -25.54 17.85 7.95
N PHE B 33 -26.70 18.39 8.38
CA PHE B 33 -26.96 19.80 8.76
C PHE B 33 -26.92 19.83 10.36
N GLY B 34 -25.95 19.11 10.95
CA GLY B 34 -25.63 19.20 12.38
C GLY B 34 -24.33 19.97 12.66
N GLN B 35 -24.16 20.36 13.92
CA GLN B 35 -22.96 21.02 14.41
C GLN B 35 -22.74 20.74 15.90
N VAL B 36 -21.48 20.65 16.26
CA VAL B 36 -21.07 20.22 17.55
C VAL B 36 -20.24 21.36 18.13
N VAL B 37 -20.49 21.71 19.37
CA VAL B 37 -19.74 22.75 20.08
C VAL B 37 -19.26 22.19 21.43
N LEU B 38 -18.10 22.65 21.91
CA LEU B 38 -17.68 22.40 23.25
C LEU B 38 -18.59 23.19 24.17
N ALA B 39 -18.73 22.73 25.41
CA ALA B 39 -19.51 23.41 26.43
C ALA B 39 -19.19 22.94 27.83
N GLU B 40 -19.76 23.65 28.80
CA GLU B 40 -19.63 23.33 30.22
C GLU B 40 -21.00 23.18 30.75
N ALA B 41 -21.24 22.03 31.36
CA ALA B 41 -22.50 21.71 31.95
C ALA B 41 -22.26 21.71 33.47
N ILE B 42 -23.17 22.35 34.20
CA ILE B 42 -23.09 22.55 35.65
C ILE B 42 -24.06 21.60 36.28
N GLY B 43 -23.61 20.76 37.20
CA GLY B 43 -24.53 19.92 37.97
C GLY B 43 -25.35 18.89 37.20
N LEU B 44 -24.67 18.00 36.47
CA LEU B 44 -25.35 16.95 35.69
C LEU B 44 -26.00 15.86 36.57
N PRO B 49 -22.78 18.52 41.27
CA PRO B 49 -23.99 19.33 41.58
C PRO B 49 -23.79 20.87 41.44
N ASN B 50 -22.65 21.37 41.91
CA ASN B 50 -22.02 22.59 41.41
C ASN B 50 -20.73 22.23 40.60
N ARG B 51 -20.50 20.94 40.36
CA ARG B 51 -19.37 20.52 39.53
C ARG B 51 -19.64 20.89 38.06
N VAL B 52 -18.66 21.53 37.45
CA VAL B 52 -18.59 21.83 36.01
C VAL B 52 -17.96 20.63 35.24
N THR B 53 -18.74 20.00 34.36
CA THR B 53 -18.24 18.97 33.42
C THR B 53 -18.07 19.56 32.01
N LYS B 54 -16.91 19.35 31.40
CA LYS B 54 -16.70 19.66 29.94
C LYS B 54 -17.51 18.64 29.11
N VAL B 55 -18.23 19.12 28.12
CA VAL B 55 -19.11 18.26 27.34
C VAL B 55 -19.03 18.66 25.88
N ALA B 56 -19.43 17.74 25.02
CA ALA B 56 -19.73 18.08 23.62
C ALA B 56 -21.28 18.10 23.43
N VAL B 57 -21.74 19.08 22.65
CA VAL B 57 -23.15 19.35 22.41
C VAL B 57 -23.47 19.33 20.93
N LYS B 58 -24.34 18.43 20.53
CA LYS B 58 -24.89 18.46 19.18
C LYS B 58 -26.20 19.26 19.12
N MET B 59 -26.32 20.08 18.06
CA MET B 59 -27.53 20.89 17.79
C MET B 59 -27.70 21.01 16.29
N LEU B 60 -28.84 21.50 15.82
CA LEU B 60 -29.02 21.70 14.43
C LEU B 60 -28.27 22.94 14.01
N LYS B 61 -27.95 23.00 12.73
CA LYS B 61 -27.53 24.23 12.06
C LYS B 61 -28.79 25.06 11.80
N SER B 62 -28.60 26.35 11.56
CA SER B 62 -29.68 27.30 11.37
C SER B 62 -30.37 27.19 10.04
N ASP B 63 -29.79 26.44 9.09
CA ASP B 63 -30.47 26.08 7.87
C ASP B 63 -31.14 24.69 7.93
N ALA B 64 -31.24 24.09 9.10
CA ALA B 64 -31.83 22.74 9.21
C ALA B 64 -33.33 22.77 9.03
N THR B 65 -33.85 21.61 8.63
CA THR B 65 -35.27 21.39 8.36
C THR B 65 -35.87 20.48 9.42
N GLU B 66 -37.17 20.31 9.29
CA GLU B 66 -37.92 19.32 10.06
C GLU B 66 -37.35 17.89 9.99
N LYS B 67 -36.85 17.49 8.84
CA LYS B 67 -36.23 16.18 8.69
C LYS B 67 -34.93 16.12 9.51
N ASP B 68 -34.13 17.19 9.53
CA ASP B 68 -32.90 17.19 10.35
C ASP B 68 -33.19 17.11 11.81
N LEU B 69 -34.20 17.85 12.28
CA LEU B 69 -34.61 17.71 13.69
C LEU B 69 -35.00 16.27 14.03
N SER B 70 -35.90 15.63 13.27
CA SER B 70 -36.24 14.20 13.48
C SER B 70 -35.01 13.29 13.56
N ASP B 71 -34.06 13.49 12.66
CA ASP B 71 -32.79 12.73 12.69
C ASP B 71 -32.02 12.99 13.98
N LEU B 72 -31.91 14.24 14.40
CA LEU B 72 -31.20 14.50 15.66
C LEU B 72 -31.92 13.82 16.85
N ILE B 73 -33.24 13.80 16.82
CA ILE B 73 -34.05 13.27 17.94
C ILE B 73 -33.87 11.78 17.98
N SER B 74 -33.97 11.17 16.81
CA SER B 74 -33.72 9.72 16.64
C SER B 74 -32.36 9.27 17.20
N GLU B 75 -31.36 10.10 16.94
CA GLU B 75 -30.01 9.84 17.36
C GLU B 75 -29.92 9.90 18.87
N MET B 76 -30.56 10.91 19.47
CA MET B 76 -30.64 11.00 20.94
C MET B 76 -31.36 9.80 21.53
N GLU B 77 -32.49 9.43 20.92
CA GLU B 77 -33.35 8.36 21.39
C GLU B 77 -32.61 7.04 21.25
N MET B 78 -31.91 6.85 20.15
CA MET B 78 -31.06 5.63 20.01
C MET B 78 -30.03 5.50 21.17
N MET B 79 -29.32 6.59 21.46
CA MET B 79 -28.32 6.58 22.49
C MET B 79 -28.92 6.21 23.83
N LYS B 80 -30.15 6.70 24.11
CA LYS B 80 -30.90 6.31 25.31
C LYS B 80 -31.19 4.84 25.35
N MET B 81 -31.66 4.28 24.24
CA MET B 81 -31.92 2.83 24.18
C MET B 81 -30.65 1.97 24.37
N ILE B 82 -29.52 2.42 23.82
CA ILE B 82 -28.31 1.60 23.79
C ILE B 82 -27.73 1.46 25.16
N GLY B 83 -27.84 2.52 25.95
CA GLY B 83 -27.31 2.55 27.31
C GLY B 83 -25.84 2.93 27.38
N LYS B 84 -25.33 2.97 28.60
CA LYS B 84 -24.00 3.41 28.95
C LYS B 84 -22.96 2.30 28.81
N HIS B 85 -21.80 2.62 28.26
CA HIS B 85 -20.67 1.68 28.25
C HIS B 85 -19.40 2.47 28.29
N LYS B 86 -18.41 1.97 29.06
CA LYS B 86 -17.12 2.71 29.21
C LYS B 86 -16.45 3.06 27.86
N ASN B 87 -16.59 2.19 26.86
CA ASN B 87 -15.97 2.33 25.56
C ASN B 87 -16.89 2.81 24.40
N ILE B 88 -17.93 3.59 24.74
CA ILE B 88 -18.66 4.39 23.76
C ILE B 88 -18.81 5.80 24.33
N ILE B 89 -19.05 6.77 23.44
CA ILE B 89 -19.33 8.13 23.83
C ILE B 89 -20.76 8.13 24.37
N ASN B 90 -20.93 8.44 25.66
CA ASN B 90 -22.26 8.36 26.27
C ASN B 90 -23.06 9.68 26.29
N LEU B 91 -24.38 9.52 26.24
CA LEU B 91 -25.39 10.55 26.49
C LEU B 91 -25.39 10.97 27.98
N LEU B 92 -25.23 12.26 28.21
CA LEU B 92 -25.20 12.84 29.56
C LEU B 92 -26.47 13.67 29.83
N GLY B 93 -27.08 14.20 28.77
CA GLY B 93 -28.35 14.90 28.89
C GLY B 93 -28.75 15.63 27.63
N ALA B 94 -29.77 16.44 27.79
CA ALA B 94 -30.34 17.14 26.67
C ALA B 94 -31.13 18.38 27.09
N CYS B 95 -31.05 19.45 26.30
CA CYS B 95 -32.01 20.57 26.42
C CYS B 95 -32.97 20.45 25.24
N THR B 96 -34.21 20.07 25.51
CA THR B 96 -35.22 19.82 24.49
C THR B 96 -36.38 20.80 24.53
N GLN B 97 -36.50 21.57 25.60
CA GLN B 97 -37.66 22.45 25.83
C GLN B 97 -37.33 23.92 25.69
N ASP B 98 -38.28 24.71 25.18
CA ASP B 98 -38.12 26.18 25.16
C ASP B 98 -36.84 26.63 24.47
N GLY B 99 -36.65 26.17 23.26
CA GLY B 99 -35.37 26.44 22.60
C GLY B 99 -34.82 25.31 21.80
N PRO B 100 -33.69 25.57 21.11
CA PRO B 100 -33.16 24.57 20.21
C PRO B 100 -32.76 23.28 20.96
N LEU B 101 -32.88 22.16 20.23
CA LEU B 101 -32.47 20.86 20.77
C LEU B 101 -30.95 20.80 20.91
N TYR B 102 -30.49 20.62 22.14
CA TYR B 102 -29.08 20.38 22.43
C TYR B 102 -28.98 18.95 22.99
N VAL B 103 -28.15 18.12 22.37
CA VAL B 103 -27.85 16.76 22.84
C VAL B 103 -26.42 16.79 23.42
N ILE B 104 -26.27 16.42 24.69
CA ILE B 104 -25.07 16.63 25.46
C ILE B 104 -24.43 15.26 25.74
N VAL B 105 -23.18 15.12 25.39
CA VAL B 105 -22.49 13.82 25.48
C VAL B 105 -21.11 14.07 26.09
N GLU B 106 -20.48 12.97 26.44
CA GLU B 106 -19.12 12.97 26.98
C GLU B 106 -18.14 13.59 26.06
N CYS B 107 -17.18 14.34 26.62
CA CYS B 107 -16.11 15.00 25.85
C CYS B 107 -14.80 14.20 26.03
N ALA B 108 -14.24 13.71 24.93
CA ALA B 108 -12.99 12.98 24.95
C ALA B 108 -11.91 13.98 24.63
N SER B 109 -11.03 14.28 25.57
CA SER B 109 -10.04 15.36 25.36
C SER B 109 -8.87 15.06 24.44
N LYS B 110 -8.61 13.82 24.05
CA LYS B 110 -7.40 13.60 23.23
C LYS B 110 -7.69 13.43 21.73
N GLY B 111 -8.92 13.70 21.33
CA GLY B 111 -9.25 13.68 19.93
C GLY B 111 -9.51 12.28 19.42
N ASN B 112 -9.43 12.13 18.12
CA ASN B 112 -9.76 10.87 17.54
C ASN B 112 -8.52 9.97 17.48
N LEU B 113 -8.78 8.70 17.32
CA LEU B 113 -7.77 7.69 17.44
C LEU B 113 -6.71 7.85 16.33
N ARG B 114 -7.10 8.23 15.12
CA ARG B 114 -6.11 8.42 14.05
C ARG B 114 -5.09 9.47 14.45
N GLU B 115 -5.60 10.61 14.93
CA GLU B 115 -4.77 11.77 15.30
C GLU B 115 -3.90 11.38 16.47
N TYR B 116 -4.51 10.70 17.44
CA TYR B 116 -3.82 10.21 18.60
C TYR B 116 -2.60 9.34 18.27
N LEU B 117 -2.79 8.36 17.37
CA LEU B 117 -1.71 7.47 16.97
C LEU B 117 -0.67 8.28 16.18
N GLN B 118 -1.14 9.15 15.29
CA GLN B 118 -0.22 9.95 14.45
C GLN B 118 0.73 10.80 15.29
N ALA B 119 0.19 11.51 16.29
CA ALA B 119 0.96 12.34 17.24
C ALA B 119 1.93 11.56 18.09
N ARG B 120 1.77 10.24 18.19
CA ARG B 120 2.66 9.41 19.00
C ARG B 120 3.64 8.50 18.20
N ARG B 121 3.83 8.75 16.92
CA ARG B 121 4.80 7.99 16.15
C ARG B 121 6.22 8.33 16.63
N PRO B 122 7.06 7.29 16.87
CA PRO B 122 8.43 7.52 17.30
C PRO B 122 9.28 8.34 16.31
N PRO B 123 10.30 9.06 16.83
CA PRO B 123 11.19 9.80 15.89
C PRO B 123 12.12 8.89 15.06
N GLU B 136 7.01 13.08 23.67
CA GLU B 136 6.56 12.31 24.82
C GLU B 136 5.36 11.44 24.41
N GLU B 137 4.94 10.57 25.34
CA GLU B 137 3.71 9.73 25.25
C GLU B 137 3.68 8.59 24.16
N GLN B 138 4.83 8.02 23.86
CA GLN B 138 4.93 6.85 22.97
C GLN B 138 4.07 5.68 23.43
N LEU B 139 3.56 4.94 22.45
CA LEU B 139 2.77 3.76 22.70
C LEU B 139 3.67 2.56 22.66
N SER B 140 3.55 1.70 23.65
CA SER B 140 4.19 0.40 23.58
C SER B 140 3.31 -0.59 22.78
N SER B 141 3.85 -1.75 22.44
CA SER B 141 3.08 -2.77 21.77
C SER B 141 1.78 -3.12 22.55
N LYS B 142 1.89 -3.36 23.86
CA LYS B 142 0.74 -3.65 24.69
C LYS B 142 -0.34 -2.52 24.58
N ASP B 143 0.08 -1.27 24.47
CA ASP B 143 -0.81 -0.12 24.33
C ASP B 143 -1.63 -0.25 23.05
N LEU B 144 -0.98 -0.65 21.96
CA LEU B 144 -1.69 -0.74 20.72
C LEU B 144 -2.71 -1.84 20.75
N VAL B 145 -2.34 -2.98 21.36
CA VAL B 145 -3.29 -4.10 21.42
C VAL B 145 -4.44 -3.73 22.35
N SER B 146 -4.10 -2.93 23.35
CA SER B 146 -5.07 -2.49 24.31
C SER B 146 -6.10 -1.53 23.68
N CYS B 147 -5.65 -0.59 22.80
CA CYS B 147 -6.54 0.21 21.99
CA CYS B 147 -6.55 0.22 21.98
C CYS B 147 -7.49 -0.69 21.21
N ALA B 148 -6.94 -1.71 20.55
CA ALA B 148 -7.78 -2.65 19.80
C ALA B 148 -8.85 -3.35 20.64
N TYR B 149 -8.41 -3.90 21.79
CA TYR B 149 -9.26 -4.56 22.76
C TYR B 149 -10.40 -3.61 23.22
N GLN B 150 -10.05 -2.39 23.56
CA GLN B 150 -11.06 -1.41 24.04
C GLN B 150 -12.10 -1.15 22.96
N VAL B 151 -11.63 -1.03 21.71
CA VAL B 151 -12.56 -0.75 20.65
C VAL B 151 -13.46 -1.95 20.39
N ALA B 152 -12.88 -3.16 20.41
CA ALA B 152 -13.70 -4.37 20.22
C ALA B 152 -14.78 -4.54 21.32
N ARG B 153 -14.42 -4.22 22.54
CA ARG B 153 -15.29 -4.30 23.69
C ARG B 153 -16.42 -3.32 23.51
N GLY B 154 -16.06 -2.13 23.06
CA GLY B 154 -17.06 -1.11 22.76
C GLY B 154 -18.00 -1.60 21.67
N MET B 155 -17.45 -2.15 20.58
CA MET B 155 -18.27 -2.73 19.53
C MET B 155 -19.13 -3.92 19.98
N GLU B 156 -18.58 -4.75 20.88
CA GLU B 156 -19.31 -5.92 21.36
C GLU B 156 -20.57 -5.46 22.11
N TYR B 157 -20.43 -4.38 22.90
CA TYR B 157 -21.54 -3.79 23.61
C TYR B 157 -22.60 -3.25 22.67
N LEU B 158 -22.18 -2.44 21.70
CA LEU B 158 -23.09 -1.94 20.70
C LEU B 158 -23.80 -3.05 19.92
N ALA B 159 -23.03 -4.05 19.49
CA ALA B 159 -23.60 -5.17 18.78
C ALA B 159 -24.66 -5.90 19.62
N SER B 160 -24.45 -5.99 20.95
CA SER B 160 -25.40 -6.66 21.88
C SER B 160 -26.69 -5.86 22.03
N LYS B 161 -26.65 -4.58 21.65
CA LYS B 161 -27.78 -3.70 21.68
C LYS B 161 -28.27 -3.42 20.30
N LYS B 162 -27.94 -4.29 19.36
CA LYS B 162 -28.46 -4.21 18.00
C LYS B 162 -27.95 -3.07 17.13
N CYS B 163 -26.87 -2.43 17.57
CA CYS B 163 -26.35 -1.25 16.88
C CYS B 163 -25.27 -1.66 15.85
N ILE B 164 -25.53 -1.35 14.59
CA ILE B 164 -24.63 -1.58 13.50
C ILE B 164 -24.03 -0.22 13.17
N HIS B 165 -22.72 -0.07 13.27
CA HIS B 165 -22.11 1.24 13.12
C HIS B 165 -22.13 1.75 11.68
N ARG B 166 -21.70 0.92 10.75
CA ARG B 166 -21.60 1.24 9.33
C ARG B 166 -20.35 2.09 8.93
N ASP B 167 -19.74 2.88 9.83
CA ASP B 167 -18.46 3.58 9.53
C ASP B 167 -17.44 3.48 10.64
N LEU B 168 -17.19 2.28 11.07
CA LEU B 168 -16.23 2.05 12.10
C LEU B 168 -14.83 2.24 11.49
N ALA B 169 -14.08 3.11 12.10
CA ALA B 169 -12.78 3.52 11.60
C ALA B 169 -12.12 4.31 12.76
N ALA B 170 -10.79 4.41 12.78
CA ALA B 170 -10.09 5.19 13.82
C ALA B 170 -10.64 6.62 13.94
N ARG B 171 -11.05 7.23 12.85
CA ARG B 171 -11.67 8.58 12.93
C ARG B 171 -12.92 8.59 13.81
N ASN B 172 -13.57 7.43 13.98
CA ASN B 172 -14.79 7.30 14.78
C ASN B 172 -14.55 6.62 16.13
N VAL B 173 -13.32 6.78 16.64
CA VAL B 173 -12.98 6.39 17.95
C VAL B 173 -12.32 7.59 18.55
N LEU B 174 -12.74 7.93 19.74
CA LEU B 174 -12.27 9.10 20.43
C LEU B 174 -11.60 8.63 21.68
N VAL B 175 -10.63 9.39 22.13
CA VAL B 175 -9.74 9.01 23.20
C VAL B 175 -9.89 9.99 24.37
N THR B 176 -10.16 9.49 25.56
CA THR B 176 -10.25 10.38 26.75
C THR B 176 -8.89 10.80 27.28
N GLU B 177 -8.92 11.72 28.24
CA GLU B 177 -7.76 12.14 29.03
C GLU B 177 -6.97 10.97 29.67
N ASP B 178 -7.68 9.94 30.11
CA ASP B 178 -7.08 8.71 30.67
C ASP B 178 -6.85 7.63 29.62
N ASN B 179 -6.79 7.99 28.33
CA ASN B 179 -6.49 7.03 27.26
C ASN B 179 -7.56 5.92 27.05
N VAL B 180 -8.80 6.21 27.43
CA VAL B 180 -9.88 5.25 27.23
C VAL B 180 -10.40 5.50 25.79
N MET B 181 -10.65 4.41 25.06
CA MET B 181 -11.19 4.45 23.69
C MET B 181 -12.70 4.44 23.83
N LYS B 182 -13.34 5.30 23.03
CA LYS B 182 -14.79 5.45 23.00
C LYS B 182 -15.25 5.56 21.56
N ILE B 183 -16.08 4.61 21.18
CA ILE B 183 -16.70 4.65 19.90
C ILE B 183 -17.63 5.87 19.79
N ALA B 184 -17.48 6.59 18.68
CA ALA B 184 -18.23 7.79 18.36
C ALA B 184 -19.15 7.49 17.19
N ASP B 185 -20.29 8.19 17.17
CA ASP B 185 -21.07 8.32 15.95
C ASP B 185 -21.73 7.01 15.55
N PHE B 186 -22.13 6.26 16.56
CA PHE B 186 -22.79 4.99 16.41
C PHE B 186 -24.33 5.16 16.40
N GLY B 187 -24.82 6.36 16.71
CA GLY B 187 -26.26 6.62 16.82
C GLY B 187 -27.01 6.85 15.52
N LEU B 188 -26.36 6.52 14.39
CA LEU B 188 -26.76 6.99 13.08
C LEU B 188 -27.57 5.92 12.39
N ALA B 189 -28.27 6.34 11.36
CA ALA B 189 -28.79 5.44 10.33
C ALA B 189 -28.62 6.16 8.99
N ARG B 190 -27.42 6.02 8.41
CA ARG B 190 -27.09 6.60 7.08
C ARG B 190 -28.09 6.21 6.01
N ASP B 191 -28.18 7.05 4.98
CA ASP B 191 -29.06 6.79 3.84
C ASP B 191 -28.37 5.69 3.00
N ILE B 192 -28.67 4.42 3.32
CA ILE B 192 -27.90 3.25 2.79
C ILE B 192 -28.21 2.82 1.32
N HIS B 193 -29.19 3.46 0.69
CA HIS B 193 -29.42 3.33 -0.77
C HIS B 193 -29.26 4.68 -1.51
N HIS B 194 -28.70 5.68 -0.82
CA HIS B 194 -28.11 6.85 -1.44
C HIS B 194 -26.75 7.06 -0.77
N ILE B 195 -25.87 6.05 -0.87
CA ILE B 195 -24.55 6.06 -0.21
C ILE B 195 -23.55 6.76 -1.14
N ASP B 196 -22.88 7.79 -0.62
CA ASP B 196 -22.01 8.60 -1.47
C ASP B 196 -20.54 8.10 -1.49
N TYR B 197 -20.31 7.03 -2.23
CA TYR B 197 -18.99 6.38 -2.33
C TYR B 197 -17.77 7.32 -2.57
N TYR B 198 -17.99 8.49 -3.17
CA TYR B 198 -16.93 9.46 -3.51
C TYR B 198 -16.69 10.58 -2.48
N LYS B 199 -17.42 10.61 -1.38
CA LYS B 199 -17.22 11.70 -0.42
C LYS B 199 -15.96 11.41 0.40
N LYS B 200 -15.20 12.46 0.66
CA LYS B 200 -13.98 12.36 1.39
C LYS B 200 -14.19 12.91 2.77
N THR B 201 -13.41 12.41 3.71
CA THR B 201 -13.40 12.94 5.07
C THR B 201 -12.64 14.25 5.00
N THR B 202 -12.73 15.07 6.06
CA THR B 202 -11.86 16.24 6.19
C THR B 202 -10.39 15.93 5.93
N ASN B 203 -9.93 14.80 6.45
CA ASN B 203 -8.52 14.45 6.30
C ASN B 203 -8.17 13.94 4.87
N GLY B 204 -9.18 13.83 3.98
CA GLY B 204 -8.97 13.53 2.56
C GLY B 204 -9.07 12.07 2.13
N ARG B 205 -9.60 11.22 2.99
CA ARG B 205 -9.67 9.79 2.70
C ARG B 205 -11.10 9.36 2.35
N LEU B 206 -11.18 8.21 1.68
CA LEU B 206 -12.43 7.65 1.21
C LEU B 206 -12.98 6.59 2.18
N PRO B 207 -14.15 6.85 2.79
CA PRO B 207 -14.64 5.85 3.75
C PRO B 207 -14.99 4.51 3.17
N VAL B 208 -15.27 4.43 1.86
CA VAL B 208 -15.48 3.12 1.24
C VAL B 208 -14.36 2.12 1.51
N LYS B 209 -13.16 2.60 1.85
CA LYS B 209 -12.03 1.69 2.12
C LYS B 209 -12.15 0.89 3.40
N TRP B 210 -13.14 1.18 4.22
CA TRP B 210 -13.41 0.47 5.45
C TRP B 210 -14.58 -0.48 5.30
N MET B 211 -15.26 -0.43 4.17
CA MET B 211 -16.56 -1.14 4.01
C MET B 211 -16.38 -2.57 3.49
N ALA B 212 -17.10 -3.52 4.10
CA ALA B 212 -17.07 -4.91 3.71
C ALA B 212 -17.66 -5.05 2.31
N PRO B 213 -17.18 -6.01 1.50
CA PRO B 213 -17.70 -6.12 0.12
C PRO B 213 -19.22 -6.33 0.04
N GLU B 214 -19.81 -7.09 0.95
CA GLU B 214 -21.27 -7.21 0.95
C GLU B 214 -22.00 -5.92 1.19
N ALA B 215 -21.43 -4.99 1.97
CA ALA B 215 -22.03 -3.67 2.13
C ALA B 215 -21.84 -2.81 0.90
N LEU B 216 -20.75 -3.06 0.20
CA LEU B 216 -20.36 -2.28 -0.95
C LEU B 216 -21.13 -2.81 -2.18
N PHE B 217 -21.00 -4.10 -2.49
CA PHE B 217 -21.63 -4.76 -3.68
C PHE B 217 -23.08 -5.29 -3.54
N ASP B 218 -23.51 -5.66 -2.34
CA ASP B 218 -24.84 -6.27 -2.16
C ASP B 218 -25.70 -5.46 -1.18
N ARG B 219 -25.31 -4.21 -0.95
CA ARG B 219 -25.95 -3.32 0.05
C ARG B 219 -26.20 -3.89 1.50
N ILE B 220 -25.64 -5.05 1.85
CA ILE B 220 -25.87 -5.75 3.15
C ILE B 220 -24.96 -5.23 4.32
N TYR B 221 -25.56 -4.67 5.36
CA TYR B 221 -24.84 -4.21 6.55
C TYR B 221 -25.24 -5.03 7.77
N THR B 222 -24.28 -5.73 8.38
CA THR B 222 -24.50 -6.48 9.62
C THR B 222 -23.41 -6.14 10.66
N HIS B 223 -23.49 -6.78 11.82
CA HIS B 223 -22.42 -6.80 12.77
C HIS B 223 -21.13 -7.39 12.16
N GLN B 224 -21.29 -8.42 11.30
CA GLN B 224 -20.14 -9.00 10.57
C GLN B 224 -19.47 -8.06 9.54
N SER B 225 -20.22 -7.19 8.91
CA SER B 225 -19.62 -6.23 8.03
C SER B 225 -18.86 -5.19 8.88
N ASP B 226 -19.37 -4.86 10.09
CA ASP B 226 -18.61 -4.04 11.03
C ASP B 226 -17.28 -4.71 11.45
N VAL B 227 -17.29 -6.03 11.56
CA VAL B 227 -16.08 -6.80 11.85
C VAL B 227 -15.01 -6.57 10.78
N TRP B 228 -15.42 -6.56 9.50
CA TRP B 228 -14.52 -6.19 8.42
C TRP B 228 -13.90 -4.79 8.61
N SER B 229 -14.73 -3.80 8.93
CA SER B 229 -14.26 -2.46 9.21
C SER B 229 -13.29 -2.48 10.40
N PHE B 230 -13.58 -3.31 11.39
CA PHE B 230 -12.73 -3.46 12.51
C PHE B 230 -11.31 -3.93 12.08
N GLY B 231 -11.26 -4.83 11.09
CA GLY B 231 -10.00 -5.28 10.51
C GLY B 231 -9.19 -4.12 9.95
N VAL B 232 -9.84 -3.20 9.25
CA VAL B 232 -9.14 -2.09 8.69
C VAL B 232 -8.73 -1.21 9.83
N LEU B 233 -9.54 -1.09 10.84
CA LEU B 233 -9.19 -0.28 12.04
C LEU B 233 -7.94 -0.86 12.72
N LEU B 234 -7.88 -2.19 12.78
CA LEU B 234 -6.66 -2.86 13.36
C LEU B 234 -5.43 -2.49 12.58
N TRP B 235 -5.53 -2.54 11.26
CA TRP B 235 -4.47 -2.11 10.37
C TRP B 235 -4.10 -0.65 10.67
N GLU B 236 -5.09 0.23 10.89
CA GLU B 236 -4.77 1.62 11.23
C GLU B 236 -4.00 1.74 12.55
N ILE B 237 -4.39 0.93 13.54
CA ILE B 237 -3.75 0.97 14.85
C ILE B 237 -2.28 0.58 14.64
N PHE B 238 -2.03 -0.51 13.93
CA PHE B 238 -0.66 -1.04 13.80
C PHE B 238 0.22 -0.35 12.80
N THR B 239 -0.32 0.49 11.91
CA THR B 239 0.45 1.45 11.14
C THR B 239 0.55 2.86 11.82
N LEU B 240 0.06 2.99 13.06
CA LEU B 240 0.00 4.25 13.83
C LEU B 240 -0.66 5.36 13.03
N GLY B 241 -1.81 5.02 12.48
CA GLY B 241 -2.62 5.97 11.79
C GLY B 241 -2.32 6.06 10.32
N GLY B 242 -1.92 4.96 9.72
CA GLY B 242 -1.77 4.92 8.25
C GLY B 242 -3.11 5.02 7.47
N SER B 243 -2.97 5.33 6.19
CA SER B 243 -4.07 5.57 5.27
C SER B 243 -4.21 4.33 4.40
N PRO B 244 -5.35 3.65 4.46
CA PRO B 244 -5.51 2.44 3.63
C PRO B 244 -5.62 2.78 2.16
N TYR B 245 -4.93 2.03 1.31
CA TYR B 245 -4.99 2.20 -0.17
C TYR B 245 -4.72 3.66 -0.64
N PRO B 246 -3.54 4.21 -0.25
CA PRO B 246 -3.34 5.63 -0.58
C PRO B 246 -3.32 5.78 -2.09
N GLY B 247 -4.06 6.76 -2.57
CA GLY B 247 -4.23 7.09 -4.00
C GLY B 247 -5.13 6.19 -4.86
N VAL B 248 -5.82 5.22 -4.24
CA VAL B 248 -6.70 4.35 -4.99
C VAL B 248 -8.10 4.99 -5.03
N PRO B 249 -8.61 5.31 -6.23
CA PRO B 249 -9.98 5.81 -6.25
C PRO B 249 -11.03 4.67 -6.17
N VAL B 250 -12.29 5.08 -6.09
CA VAL B 250 -13.42 4.20 -5.87
C VAL B 250 -13.44 3.05 -6.87
N GLU B 251 -13.29 3.34 -8.15
CA GLU B 251 -13.49 2.29 -9.18
C GLU B 251 -12.39 1.28 -9.06
N GLU B 252 -11.17 1.77 -8.77
CA GLU B 252 -10.06 0.86 -8.55
C GLU B 252 -10.24 0.03 -7.30
N LEU B 253 -10.83 0.62 -6.27
CA LEU B 253 -11.08 -0.11 -5.04
C LEU B 253 -12.03 -1.31 -5.29
N PHE B 254 -13.13 -1.06 -5.98
CA PHE B 254 -14.06 -2.15 -6.33
C PHE B 254 -13.31 -3.25 -7.01
N LYS B 255 -12.40 -2.89 -7.93
CA LYS B 255 -11.66 -3.91 -8.68
C LYS B 255 -10.73 -4.75 -7.80
N LEU B 256 -10.06 -4.08 -6.87
CA LEU B 256 -9.22 -4.76 -5.85
C LEU B 256 -9.98 -5.78 -5.04
N LEU B 257 -11.17 -5.43 -4.57
CA LEU B 257 -11.99 -6.32 -3.73
C LEU B 257 -12.52 -7.49 -4.61
N LYS B 258 -12.96 -7.16 -5.82
CA LYS B 258 -13.33 -8.19 -6.81
C LYS B 258 -12.23 -9.21 -7.04
N GLU B 259 -10.97 -8.78 -7.02
CA GLU B 259 -9.83 -9.66 -7.17
C GLU B 259 -9.45 -10.29 -5.88
N GLY B 260 -10.17 -9.99 -4.80
CA GLY B 260 -9.84 -10.59 -3.53
C GLY B 260 -8.50 -10.10 -3.00
N HIS B 261 -8.12 -8.88 -3.39
CA HIS B 261 -6.93 -8.21 -2.84
C HIS B 261 -7.03 -7.99 -1.33
N ARG B 262 -5.92 -8.14 -0.63
CA ARG B 262 -5.86 -7.87 0.78
C ARG B 262 -4.54 -7.15 1.10
N MET B 263 -4.61 -6.17 1.98
CA MET B 263 -3.43 -5.43 2.40
C MET B 263 -2.39 -6.37 3.01
N ASP B 264 -1.12 -6.13 2.72
CA ASP B 264 -0.02 -6.90 3.38
C ASP B 264 0.15 -6.50 4.85
N LYS B 265 0.81 -7.35 5.56
CA LYS B 265 1.10 -7.16 6.91
C LYS B 265 1.95 -5.91 7.09
N PRO B 266 1.51 -4.97 7.93
CA PRO B 266 2.38 -3.85 8.25
C PRO B 266 3.58 -4.25 9.09
N SER B 267 4.64 -3.47 9.11
CA SER B 267 5.80 -3.79 9.95
C SER B 267 5.33 -3.68 11.39
N ASN B 268 6.05 -4.21 12.37
CA ASN B 268 5.58 -4.02 13.78
C ASN B 268 4.19 -4.61 13.98
N CYS B 269 3.95 -5.75 13.35
CA CYS B 269 2.72 -6.43 13.51
C CYS B 269 3.04 -7.88 13.52
N THR B 270 2.64 -8.56 14.58
CA THR B 270 2.87 -10.00 14.70
C THR B 270 2.02 -10.74 13.66
N ASN B 271 2.43 -11.98 13.33
CA ASN B 271 1.63 -12.86 12.47
C ASN B 271 0.21 -13.04 12.97
N GLU B 272 0.09 -13.14 14.28
CA GLU B 272 -1.16 -13.47 14.93
C GLU B 272 -2.14 -12.27 14.73
N LEU B 273 -1.67 -11.04 14.97
CA LEU B 273 -2.51 -9.83 14.73
C LEU B 273 -2.87 -9.62 13.27
N TYR B 274 -1.95 -10.02 12.39
CA TYR B 274 -2.23 -9.99 10.96
C TYR B 274 -3.24 -11.03 10.57
N MET B 275 -3.14 -12.23 11.15
CA MET B 275 -4.17 -13.29 10.95
C MET B 275 -5.55 -12.85 11.44
N MET B 276 -5.57 -12.12 12.54
CA MET B 276 -6.81 -11.57 13.05
C MET B 276 -7.41 -10.60 12.02
N MET B 277 -6.59 -9.74 11.43
CA MET B 277 -7.07 -8.81 10.38
C MET B 277 -7.67 -9.53 9.18
N ARG B 278 -6.92 -10.53 8.73
CA ARG B 278 -7.25 -11.33 7.52
C ARG B 278 -8.49 -12.10 7.84
N ASP B 279 -8.61 -12.58 9.08
CA ASP B 279 -9.85 -13.27 9.47
C ASP B 279 -11.03 -12.31 9.40
N CYS B 280 -10.84 -11.07 9.88
CA CYS B 280 -11.89 -10.08 9.80
C CYS B 280 -12.18 -9.76 8.36
N TRP B 281 -11.22 -9.99 7.49
CA TRP B 281 -11.43 -9.80 6.04
C TRP B 281 -11.80 -11.07 5.19
N HIS B 282 -12.28 -12.10 5.86
CA HIS B 282 -12.79 -13.28 5.19
C HIS B 282 -13.91 -12.83 4.25
N ALA B 283 -13.91 -13.38 3.05
CA ALA B 283 -14.95 -13.07 2.07
C ALA B 283 -16.37 -13.42 2.56
N VAL B 284 -16.50 -14.48 3.32
CA VAL B 284 -17.78 -15.00 3.78
C VAL B 284 -18.02 -14.39 5.16
N PRO B 285 -19.07 -13.58 5.32
CA PRO B 285 -19.22 -12.90 6.62
C PRO B 285 -19.29 -13.83 7.85
N SER B 286 -19.89 -15.01 7.69
CA SER B 286 -20.08 -15.95 8.81
C SER B 286 -18.79 -16.65 9.20
N GLN B 287 -17.79 -16.57 8.35
CA GLN B 287 -16.42 -16.98 8.67
C GLN B 287 -15.55 -15.91 9.35
N ARG B 288 -16.00 -14.67 9.40
CA ARG B 288 -15.28 -13.65 10.15
C ARG B 288 -15.52 -13.98 11.60
N PRO B 289 -14.58 -13.66 12.48
CA PRO B 289 -14.98 -13.76 13.89
C PRO B 289 -16.03 -12.73 14.25
N THR B 290 -16.65 -12.98 15.39
CA THR B 290 -17.61 -12.07 15.94
C THR B 290 -16.82 -11.12 16.86
N PHE B 291 -17.45 -10.01 17.22
CA PHE B 291 -16.89 -9.11 18.25
C PHE B 291 -16.64 -9.74 19.58
N LYS B 292 -17.55 -10.62 20.00
CA LYS B 292 -17.32 -11.44 21.20
C LYS B 292 -16.03 -12.28 21.11
N GLN B 293 -15.79 -12.94 19.99
CA GLN B 293 -14.52 -13.74 19.85
C GLN B 293 -13.34 -12.80 19.80
N LEU B 294 -13.47 -11.69 19.05
CA LEU B 294 -12.38 -10.69 18.99
C LEU B 294 -11.96 -10.16 20.37
N VAL B 295 -12.93 -9.90 21.23
CA VAL B 295 -12.67 -9.42 22.59
C VAL B 295 -11.91 -10.49 23.36
N GLU B 296 -12.31 -11.74 23.24
CA GLU B 296 -11.65 -12.86 23.96
C GLU B 296 -10.19 -13.02 23.50
N ASP B 297 -9.98 -13.08 22.19
CA ASP B 297 -8.67 -13.13 21.59
C ASP B 297 -7.82 -11.96 21.94
N LEU B 298 -8.35 -10.74 21.91
CA LEU B 298 -7.53 -9.58 22.23
C LEU B 298 -7.23 -9.53 23.72
N ASP B 299 -8.17 -9.97 24.53
CA ASP B 299 -7.88 -10.05 25.93
C ASP B 299 -6.62 -10.95 26.21
N ARG B 300 -6.59 -12.12 25.59
CA ARG B 300 -5.46 -13.03 25.72
C ARG B 300 -4.21 -12.36 25.22
N ILE B 301 -4.27 -11.76 24.03
CA ILE B 301 -3.07 -11.21 23.40
C ILE B 301 -2.53 -10.05 24.20
N VAL B 302 -3.37 -9.15 24.69
CA VAL B 302 -2.89 -8.06 25.50
C VAL B 302 -1.99 -8.59 26.63
N ALA B 303 -2.51 -9.55 27.40
CA ALA B 303 -1.77 -10.20 28.50
C ALA B 303 -0.41 -10.79 28.05
N LEU B 304 -0.35 -11.36 26.85
CA LEU B 304 0.92 -11.88 26.25
C LEU B 304 1.77 -10.87 25.45
N THR B 305 1.42 -9.59 25.48
CA THR B 305 2.16 -8.59 24.69
C THR B 305 2.97 -7.71 25.62
N SER B 306 4.24 -7.53 25.28
CA SER B 306 5.16 -6.66 26.02
C SER B 306 4.75 -5.16 25.98
#